data_3A60
#
_entry.id   3A60
#
_cell.length_a   78.600
_cell.length_b   62.893
_cell.length_c   86.992
_cell.angle_alpha   90.00
_cell.angle_beta   94.32
_cell.angle_gamma   90.00
#
_symmetry.space_group_name_H-M   'P 1 21 1'
#
loop_
_entity.id
_entity.type
_entity.pdbx_description
1 polymer 'Ribosomal protein S6 kinase beta-1'
2 non-polymer STAUROSPORINE
3 water water
#
_entity_poly.entity_id   1
_entity_poly.type   'polypeptide(L)'
_entity_poly.pdbx_seq_one_letter_code
;GSSETSVNRGPEKIRPECFELLRVLGKGGYGKVFQVRKVTGANTGKIFAMKVLKKAMIVRNAKDTAHTKAERNILEEVKH
PFIVDLIYAFQTGGKLYLILEYLSGGELFMQLEREGIFMEDTACFYLAEISMALGHLHQKGIIYRDLKPENIMLNHQGHV
KLTDFGLCKESIHDGTVTHTFCGTIEYMAPEILMRSGHNRAVDWWSLGALMYDMLTGAPPFTGENRKKTIDKILKCKLNL
PPYLTQEARDLLKKLLKRNAASRLGAGPGDAGEVQAHPFFRHINWEELLARKVEPPFKPLLQSEEDVSQFDSKFTRQTPV
DSPDDST
;
_entity_poly.pdbx_strand_id   A,B
#
loop_
_chem_comp.id
_chem_comp.type
_chem_comp.name
_chem_comp.formula
STU non-polymer STAUROSPORINE 'C28 H26 N4 O3'
#
# COMPACT_ATOMS: atom_id res chain seq x y z
N LYS A 13 7.62 27.94 31.52
CA LYS A 13 6.60 28.84 32.14
C LYS A 13 5.18 28.61 31.61
N ILE A 14 5.01 28.77 30.31
CA ILE A 14 3.73 28.66 29.61
C ILE A 14 2.68 27.67 30.15
N ARG A 15 1.47 28.19 30.32
CA ARG A 15 0.32 27.44 30.82
C ARG A 15 -0.93 27.87 30.06
N PRO A 16 -2.04 27.12 30.24
CA PRO A 16 -3.34 27.36 29.59
C PRO A 16 -3.92 28.78 29.74
N GLU A 17 -3.99 29.26 30.97
CA GLU A 17 -4.55 30.57 31.24
C GLU A 17 -3.68 31.74 30.74
N CYS A 18 -2.56 31.43 30.08
CA CYS A 18 -1.72 32.51 29.55
C CYS A 18 -2.47 32.92 28.29
N PHE A 19 -3.56 32.20 28.05
CA PHE A 19 -4.40 32.39 26.88
C PHE A 19 -5.89 32.59 27.18
N GLU A 20 -6.46 33.63 26.57
CA GLU A 20 -7.88 33.93 26.71
C GLU A 20 -8.52 33.51 25.38
N LEU A 21 -9.58 32.72 25.47
CA LEU A 21 -10.28 32.22 24.29
C LEU A 21 -11.08 33.31 23.56
N LEU A 22 -10.72 33.52 22.30
CA LEU A 22 -11.35 34.55 21.48
C LEU A 22 -12.42 34.08 20.51
N ARG A 23 -12.43 32.78 20.22
CA ARG A 23 -13.37 32.23 19.25
C ARG A 23 -13.07 30.76 19.06
N VAL A 24 -14.08 29.95 18.76
CA VAL A 24 -13.84 28.55 18.49
C VAL A 24 -13.63 28.52 16.98
N LEU A 25 -12.52 27.93 16.54
CA LEU A 25 -12.20 27.89 15.11
C LEU A 25 -12.79 26.75 14.34
N GLY A 26 -12.71 25.56 14.91
CA GLY A 26 -13.26 24.37 14.29
C GLY A 26 -13.19 23.18 15.22
N LYS A 27 -14.21 22.35 15.16
CA LYS A 27 -14.25 21.14 15.98
C LYS A 27 -13.69 20.05 15.08
N GLY A 28 -13.26 20.47 13.90
CA GLY A 28 -12.69 19.55 12.92
C GLY A 28 -11.44 18.84 13.41
N GLY A 29 -11.33 17.55 13.10
CA GLY A 29 -10.18 16.78 13.54
C GLY A 29 -10.33 16.37 14.99
N TYR A 30 -9.36 15.64 15.52
CA TYR A 30 -9.42 15.22 16.91
C TYR A 30 -9.29 16.48 17.76
N GLY A 31 -10.01 16.51 18.88
CA GLY A 31 -9.95 17.68 19.75
C GLY A 31 -10.58 18.92 19.14
N LYS A 32 -10.39 20.07 19.79
CA LYS A 32 -10.95 21.33 19.30
C LYS A 32 -9.83 22.35 19.04
N VAL A 33 -10.14 23.40 18.29
CA VAL A 33 -9.14 24.41 17.97
C VAL A 33 -9.68 25.79 18.18
N PHE A 34 -9.03 26.53 19.08
CA PHE A 34 -9.45 27.87 19.42
C PHE A 34 -8.53 28.96 18.89
N GLN A 35 -9.08 30.15 18.73
CA GLN A 35 -8.27 31.32 18.39
C GLN A 35 -8.02 31.82 19.82
N VAL A 36 -6.80 32.26 20.10
CA VAL A 36 -6.51 32.72 21.44
C VAL A 36 -5.72 33.99 21.43
N ARG A 37 -5.76 34.66 22.57
CA ARG A 37 -5.01 35.89 22.79
C ARG A 37 -4.17 35.60 24.00
N LYS A 38 -2.87 35.84 23.88
CA LYS A 38 -1.97 35.60 25.00
C LYS A 38 -2.00 36.84 25.91
N VAL A 39 -2.11 36.61 27.21
CA VAL A 39 -2.19 37.71 28.17
C VAL A 39 -0.94 37.91 29.04
N THR A 40 -0.42 36.83 29.61
CA THR A 40 0.79 36.91 30.42
C THR A 40 1.96 37.06 29.45
N GLY A 41 3.02 36.29 29.67
CA GLY A 41 4.19 36.30 28.80
C GLY A 41 4.75 37.61 28.27
N ALA A 42 5.74 37.48 27.37
CA ALA A 42 6.41 38.61 26.74
C ALA A 42 5.59 39.07 25.56
N ASN A 43 5.48 38.21 24.55
CA ASN A 43 4.67 38.52 23.38
C ASN A 43 3.29 38.45 23.99
N THR A 44 2.74 39.63 24.28
CA THR A 44 1.46 39.76 24.95
C THR A 44 0.39 40.42 24.12
N GLY A 45 -0.75 39.74 23.97
CA GLY A 45 -1.84 40.28 23.18
C GLY A 45 -1.66 39.76 21.78
N LYS A 46 -0.74 38.82 21.64
CA LYS A 46 -0.44 38.21 20.35
C LYS A 46 -1.55 37.19 20.16
N ILE A 47 -2.15 37.20 18.96
CA ILE A 47 -3.25 36.30 18.65
C ILE A 47 -2.74 35.00 18.05
N PHE A 48 -3.26 33.89 18.56
CA PHE A 48 -2.87 32.57 18.10
C PHE A 48 -4.03 31.64 17.82
N ALA A 49 -3.66 30.41 17.46
CA ALA A 49 -4.58 29.30 17.20
C ALA A 49 -4.12 28.29 18.25
N MET A 50 -5.05 27.64 18.94
CA MET A 50 -4.66 26.70 19.97
C MET A 50 -5.42 25.39 19.80
N LYS A 51 -4.68 24.31 19.57
CA LYS A 51 -5.31 23.00 19.39
C LYS A 51 -5.35 22.33 20.73
N VAL A 52 -6.56 21.98 21.16
CA VAL A 52 -6.76 21.33 22.44
C VAL A 52 -7.19 19.87 22.25
N LEU A 53 -6.37 18.97 22.75
CA LEU A 53 -6.64 17.54 22.64
C LEU A 53 -6.79 16.88 23.98
N LYS A 54 -7.93 16.22 24.20
CA LYS A 54 -8.14 15.49 25.44
C LYS A 54 -7.29 14.25 25.28
N LYS A 55 -6.22 14.17 26.06
CA LYS A 55 -5.30 13.05 26.00
C LYS A 55 -6.05 11.71 25.92
N ALA A 56 -7.26 11.69 26.45
CA ALA A 56 -8.09 10.47 26.46
C ALA A 56 -9.11 10.37 25.32
N MET A 57 -8.67 9.86 24.17
CA MET A 57 -9.51 9.67 22.99
C MET A 57 -8.78 8.85 21.92
N LYS A 69 6.27 11.73 13.31
CA LYS A 69 5.30 10.66 13.52
C LYS A 69 3.98 11.19 14.15
N ALA A 70 4.10 12.17 15.05
CA ALA A 70 2.93 12.73 15.73
C ALA A 70 2.62 14.18 15.30
N GLU A 71 1.35 14.57 15.41
CA GLU A 71 0.90 15.92 15.07
C GLU A 71 1.82 16.98 15.67
N ARG A 72 2.34 16.70 16.87
CA ARG A 72 3.23 17.63 17.54
C ARG A 72 4.69 17.40 17.16
N ASN A 73 5.08 16.13 16.99
CA ASN A 73 6.44 15.78 16.60
C ASN A 73 6.76 16.41 15.26
N ILE A 74 5.81 16.28 14.34
CA ILE A 74 5.96 16.82 12.99
C ILE A 74 6.06 18.34 13.00
N LEU A 75 5.03 19.01 13.54
CA LEU A 75 5.01 20.47 13.58
C LEU A 75 6.26 21.05 14.26
N GLU A 76 6.75 20.34 15.28
CA GLU A 76 7.93 20.78 16.03
C GLU A 76 9.19 20.81 15.17
N GLU A 77 9.38 19.75 14.39
CA GLU A 77 10.53 19.60 13.51
C GLU A 77 10.47 20.41 12.22
N VAL A 78 9.32 20.41 11.56
CA VAL A 78 9.15 21.14 10.31
C VAL A 78 9.20 22.67 10.47
N LYS A 79 10.13 23.30 9.76
CA LYS A 79 10.26 24.75 9.79
C LYS A 79 10.27 25.27 8.36
N HIS A 80 9.09 25.33 7.76
CA HIS A 80 8.93 25.76 6.36
C HIS A 80 7.96 26.92 6.20
N PRO A 81 8.26 27.86 5.28
CA PRO A 81 7.35 29.00 5.10
C PRO A 81 5.96 28.65 4.60
N PHE A 82 5.80 27.49 3.99
CA PHE A 82 4.49 27.09 3.48
C PHE A 82 3.83 26.03 4.35
N ILE A 83 4.18 26.02 5.62
CA ILE A 83 3.60 25.10 6.59
C ILE A 83 3.45 25.82 7.92
N VAL A 84 2.26 25.71 8.52
CA VAL A 84 1.93 26.37 9.78
C VAL A 84 2.94 26.12 10.89
N ASP A 85 3.51 27.22 11.40
CA ASP A 85 4.52 27.16 12.46
C ASP A 85 3.90 26.87 13.81
N LEU A 86 4.67 26.17 14.65
CA LEU A 86 4.26 25.81 16.00
C LEU A 86 5.05 26.67 16.99
N ILE A 87 4.37 27.31 17.92
CA ILE A 87 5.06 28.20 18.88
C ILE A 87 5.26 27.63 20.28
N TYR A 88 4.26 26.99 20.85
CA TYR A 88 4.39 26.40 22.18
C TYR A 88 3.63 25.09 22.18
N ALA A 89 4.00 24.20 23.09
CA ALA A 89 3.32 22.93 23.20
C ALA A 89 3.50 22.47 24.63
N PHE A 90 2.42 22.01 25.25
CA PHE A 90 2.46 21.53 26.64
C PHE A 90 1.29 20.62 26.97
N GLN A 91 1.45 19.81 28.02
CA GLN A 91 0.41 18.88 28.46
C GLN A 91 -0.16 19.24 29.84
N THR A 92 -1.47 19.04 30.02
CA THR A 92 -2.13 19.36 31.29
C THR A 92 -2.89 18.17 31.87
N GLY A 93 -4.07 18.45 32.42
CA GLY A 93 -4.89 17.40 33.03
C GLY A 93 -5.48 16.47 31.98
N GLY A 94 -4.61 15.65 31.39
CA GLY A 94 -5.04 14.72 30.35
C GLY A 94 -5.35 15.50 29.10
N LYS A 95 -4.52 16.50 28.82
CA LYS A 95 -4.71 17.36 27.66
C LYS A 95 -3.39 17.82 27.07
N LEU A 96 -3.38 18.01 25.75
CA LEU A 96 -2.21 18.48 25.02
C LEU A 96 -2.58 19.84 24.44
N TYR A 97 -1.63 20.77 24.45
CA TYR A 97 -1.89 22.11 23.94
C TYR A 97 -0.86 22.55 22.91
N LEU A 98 -1.28 22.62 21.65
CA LEU A 98 -0.39 23.08 20.60
C LEU A 98 -0.80 24.51 20.30
N ILE A 99 0.10 25.45 20.47
CA ILE A 99 -0.25 26.81 20.14
C ILE A 99 0.40 27.06 18.79
N LEU A 100 -0.41 27.05 17.75
CA LEU A 100 0.09 27.28 16.40
C LEU A 100 -0.14 28.73 15.95
N GLU A 101 0.63 29.18 14.97
CA GLU A 101 0.47 30.54 14.47
C GLU A 101 -0.96 30.71 13.94
N TYR A 102 -1.53 31.91 14.07
CA TYR A 102 -2.88 32.14 13.57
C TYR A 102 -2.79 32.46 12.08
N LEU A 103 -3.78 32.03 11.31
CA LEU A 103 -3.78 32.26 9.87
C LEU A 103 -5.03 33.02 9.45
N SER A 104 -4.85 34.30 9.14
CA SER A 104 -5.95 35.17 8.78
C SER A 104 -6.41 35.11 7.33
N GLY A 105 -5.82 34.23 6.54
CA GLY A 105 -6.22 34.15 5.13
C GLY A 105 -7.31 33.12 4.90
N GLY A 106 -7.71 32.45 5.98
CA GLY A 106 -8.74 31.43 5.89
C GLY A 106 -8.32 30.19 5.11
N GLU A 107 -9.21 29.70 4.25
CA GLU A 107 -8.96 28.53 3.43
C GLU A 107 -8.82 28.95 1.98
N LEU A 108 -7.88 28.34 1.26
CA LEU A 108 -7.69 28.70 -0.13
C LEU A 108 -8.95 28.52 -0.94
N PHE A 109 -9.52 27.33 -0.84
CA PHE A 109 -10.70 27.01 -1.63
C PHE A 109 -11.97 27.78 -1.31
N MET A 110 -11.91 28.70 -0.34
CA MET A 110 -13.07 29.54 -0.05
C MET A 110 -13.05 30.56 -1.18
N GLN A 111 -11.83 30.90 -1.60
CA GLN A 111 -11.63 31.83 -2.68
C GLN A 111 -11.94 31.09 -3.98
N LEU A 112 -12.19 29.78 -3.89
CA LEU A 112 -12.52 29.00 -5.07
C LEU A 112 -14.04 29.06 -5.24
N GLU A 113 -14.75 29.07 -4.11
CA GLU A 113 -16.21 29.16 -4.10
C GLU A 113 -16.60 30.42 -4.83
N ARG A 114 -15.94 31.52 -4.45
CA ARG A 114 -16.15 32.82 -5.06
C ARG A 114 -15.80 32.81 -6.54
N GLU A 115 -14.51 32.67 -6.83
CA GLU A 115 -14.00 32.68 -8.20
C GLU A 115 -14.55 31.57 -9.10
N GLY A 116 -15.23 30.60 -8.51
CA GLY A 116 -15.80 29.51 -9.31
C GLY A 116 -14.71 28.53 -9.73
N ILE A 117 -13.77 29.03 -10.52
CA ILE A 117 -12.61 28.24 -10.96
C ILE A 117 -11.43 29.20 -11.01
N PHE A 118 -10.24 28.64 -11.08
CA PHE A 118 -9.04 29.46 -11.11
C PHE A 118 -8.45 29.43 -12.50
N MET A 119 -7.76 30.51 -12.87
CA MET A 119 -7.10 30.55 -14.17
C MET A 119 -5.85 29.71 -13.99
N GLU A 120 -5.35 29.14 -15.07
CA GLU A 120 -4.20 28.25 -14.97
C GLU A 120 -3.03 28.76 -14.17
N ASP A 121 -2.70 30.04 -14.27
CA ASP A 121 -1.56 30.57 -13.53
C ASP A 121 -1.90 30.94 -12.09
N THR A 122 -3.19 31.15 -11.82
CA THR A 122 -3.63 31.49 -10.47
C THR A 122 -3.51 30.22 -9.63
N ALA A 123 -3.91 29.10 -10.23
CA ALA A 123 -3.84 27.80 -9.58
C ALA A 123 -2.37 27.36 -9.51
N CYS A 124 -1.64 27.62 -10.59
CA CYS A 124 -0.23 27.26 -10.67
C CYS A 124 0.59 27.85 -9.52
N PHE A 125 0.27 29.10 -9.17
CA PHE A 125 0.95 29.78 -8.08
C PHE A 125 0.75 28.92 -6.83
N TYR A 126 -0.49 28.87 -6.35
CA TYR A 126 -0.85 28.10 -5.17
C TYR A 126 -0.33 26.65 -5.20
N LEU A 127 -0.44 25.98 -6.35
CA LEU A 127 0.02 24.60 -6.49
C LEU A 127 1.54 24.50 -6.26
N ALA A 128 2.30 25.40 -6.88
CA ALA A 128 3.75 25.43 -6.69
C ALA A 128 4.11 25.60 -5.22
N GLU A 129 3.47 26.54 -4.54
CA GLU A 129 3.74 26.74 -3.12
C GLU A 129 3.52 25.42 -2.40
N ILE A 130 2.41 24.74 -2.70
CA ILE A 130 2.11 23.47 -2.05
C ILE A 130 3.13 22.41 -2.46
N SER A 131 3.60 22.46 -3.70
CA SER A 131 4.57 21.48 -4.13
C SER A 131 5.81 21.55 -3.25
N MET A 132 6.26 22.77 -2.99
CA MET A 132 7.44 23.01 -2.16
C MET A 132 7.22 22.53 -0.75
N ALA A 133 6.03 22.74 -0.23
CA ALA A 133 5.74 22.33 1.13
C ALA A 133 5.78 20.81 1.21
N LEU A 134 5.14 20.16 0.23
CA LEU A 134 5.09 18.70 0.18
C LEU A 134 6.51 18.13 0.01
N GLY A 135 7.31 18.80 -0.83
CA GLY A 135 8.67 18.36 -1.06
C GLY A 135 9.50 18.29 0.22
N HIS A 136 9.40 19.32 1.04
CA HIS A 136 10.12 19.40 2.29
C HIS A 136 9.62 18.32 3.26
N LEU A 137 8.31 18.15 3.33
CA LEU A 137 7.76 17.14 4.22
C LEU A 137 8.26 15.78 3.78
N HIS A 138 8.40 15.62 2.47
CA HIS A 138 8.85 14.34 1.94
C HIS A 138 10.30 14.04 2.28
N GLN A 139 11.17 15.04 2.16
CA GLN A 139 12.59 14.87 2.44
C GLN A 139 12.76 14.48 3.89
N LYS A 140 11.73 14.74 4.69
CA LYS A 140 11.76 14.41 6.10
C LYS A 140 11.07 13.09 6.40
N GLY A 141 10.66 12.38 5.36
CA GLY A 141 10.01 11.10 5.58
C GLY A 141 8.58 11.20 6.08
N ILE A 142 7.95 12.34 5.87
CA ILE A 142 6.56 12.55 6.29
C ILE A 142 5.70 12.57 5.04
N ILE A 143 4.62 11.80 5.02
CA ILE A 143 3.69 11.81 3.88
C ILE A 143 2.33 12.21 4.40
N TYR A 144 1.68 13.14 3.70
CA TYR A 144 0.38 13.65 4.11
C TYR A 144 -0.77 12.65 4.11
N ARG A 145 -0.88 11.80 3.09
CA ARG A 145 -1.96 10.80 3.00
C ARG A 145 -3.34 11.38 2.65
N ASP A 146 -3.60 12.62 3.06
CA ASP A 146 -4.89 13.27 2.79
C ASP A 146 -4.81 14.43 1.84
N LEU A 147 -4.40 15.56 2.38
CA LEU A 147 -4.28 16.76 1.61
C LEU A 147 -5.58 17.04 0.89
N LYS A 148 -6.59 17.43 1.65
CA LYS A 148 -7.88 17.80 1.08
C LYS A 148 -7.68 19.26 0.71
N PRO A 149 -8.72 19.93 0.20
CA PRO A 149 -8.56 21.35 -0.14
C PRO A 149 -8.89 22.18 1.12
N GLU A 150 -8.76 21.53 2.27
CA GLU A 150 -9.07 22.15 3.55
C GLU A 150 -7.91 22.18 4.54
N ASN A 151 -6.86 21.41 4.27
CA ASN A 151 -5.68 21.44 5.13
C ASN A 151 -4.88 22.64 4.60
N ILE A 152 -5.32 23.13 3.43
CA ILE A 152 -4.68 24.21 2.70
C ILE A 152 -5.19 25.62 3.07
N MET A 153 -4.49 26.26 4.02
CA MET A 153 -4.85 27.59 4.51
C MET A 153 -3.99 28.69 3.90
N LEU A 154 -4.24 29.92 4.36
CA LEU A 154 -3.53 31.11 3.90
C LEU A 154 -3.22 32.04 5.06
N ASN A 155 -2.04 32.65 5.06
CA ASN A 155 -1.65 33.57 6.13
C ASN A 155 -1.96 35.01 5.71
N HIS A 156 -1.83 35.94 6.65
CA HIS A 156 -2.09 37.35 6.37
C HIS A 156 -1.58 37.79 4.99
N GLN A 157 -0.41 37.31 4.60
CA GLN A 157 0.17 37.66 3.30
C GLN A 157 -0.63 37.10 2.11
N GLY A 158 -1.15 35.88 2.25
CA GLY A 158 -1.91 35.23 1.19
C GLY A 158 -1.14 34.07 0.56
N HIS A 159 -0.32 33.41 1.36
CA HIS A 159 0.48 32.29 0.90
C HIS A 159 0.02 30.97 1.53
N VAL A 160 0.31 29.88 0.84
CA VAL A 160 -0.07 28.55 1.28
C VAL A 160 0.49 28.15 2.64
N LYS A 161 -0.39 27.62 3.48
CA LYS A 161 -0.02 27.12 4.80
C LYS A 161 -0.60 25.73 5.00
N LEU A 162 0.25 24.70 5.02
CA LEU A 162 -0.24 23.35 5.23
C LEU A 162 -0.55 23.23 6.71
N THR A 163 -1.82 22.95 7.03
CA THR A 163 -2.20 22.95 8.43
C THR A 163 -2.50 21.69 9.23
N ASP A 164 -3.59 21.03 8.88
CA ASP A 164 -4.01 19.87 9.65
C ASP A 164 -3.28 18.54 9.43
N PHE A 165 -2.74 17.99 10.52
CA PHE A 165 -2.05 16.69 10.52
C PHE A 165 -2.84 15.80 11.48
N GLY A 166 -2.17 15.10 12.38
CA GLY A 166 -2.90 14.27 13.34
C GLY A 166 -1.98 13.25 13.99
N LEU A 167 -1.31 12.50 13.11
CA LEU A 167 -0.35 11.45 13.48
C LEU A 167 -0.02 10.78 12.15
N CYS A 168 0.43 11.58 11.18
CA CYS A 168 0.76 11.11 9.83
C CYS A 168 1.89 10.08 9.71
N LYS A 169 1.76 9.25 8.69
CA LYS A 169 2.69 8.16 8.38
C LYS A 169 4.19 8.45 8.40
N GLU A 170 4.93 7.53 9.00
CA GLU A 170 6.39 7.59 9.11
C GLU A 170 6.88 8.82 9.85
N THR A 184 12.92 -14.83 -5.31
CA THR A 184 12.49 -14.17 -4.09
C THR A 184 11.38 -13.17 -4.42
N ILE A 185 11.77 -12.04 -5.02
CA ILE A 185 10.84 -10.99 -5.41
C ILE A 185 10.21 -11.18 -6.81
N GLU A 186 10.73 -12.12 -7.59
CA GLU A 186 10.22 -12.38 -8.93
C GLU A 186 8.73 -12.68 -8.97
N TYR A 187 8.16 -13.11 -7.85
CA TYR A 187 6.75 -13.46 -7.83
C TYR A 187 5.83 -12.55 -6.99
N MET A 188 6.42 -11.54 -6.35
CA MET A 188 5.62 -10.64 -5.55
C MET A 188 4.91 -9.58 -6.38
N ALA A 189 3.76 -9.13 -5.89
CA ALA A 189 2.98 -8.13 -6.59
C ALA A 189 3.66 -6.79 -6.44
N PRO A 190 3.52 -5.92 -7.44
CA PRO A 190 4.13 -4.59 -7.43
C PRO A 190 3.74 -3.73 -6.24
N GLU A 191 2.52 -3.90 -5.73
CA GLU A 191 2.08 -3.14 -4.57
C GLU A 191 3.07 -3.36 -3.43
N ILE A 192 3.26 -4.63 -3.08
CA ILE A 192 4.16 -5.01 -2.01
C ILE A 192 5.58 -4.55 -2.29
N LEU A 193 5.93 -4.50 -3.56
CA LEU A 193 7.27 -4.11 -3.95
C LEU A 193 7.59 -2.65 -3.77
N MET A 194 6.57 -1.81 -3.63
CA MET A 194 6.84 -0.39 -3.48
C MET A 194 6.10 0.28 -2.33
N ARG A 195 5.54 -0.52 -1.43
CA ARG A 195 4.84 0.05 -0.28
C ARG A 195 3.61 0.84 -0.73
N SER A 196 3.01 0.43 -1.85
CA SER A 196 1.83 1.10 -2.39
C SER A 196 0.85 1.44 -1.30
N GLY A 197 0.54 2.73 -1.18
CA GLY A 197 -0.40 3.19 -0.17
C GLY A 197 0.30 3.84 1.00
N HIS A 198 1.63 3.70 1.05
CA HIS A 198 2.42 4.27 2.12
C HIS A 198 3.73 4.83 1.63
N ASN A 199 3.70 5.50 0.48
CA ASN A 199 4.90 6.10 -0.09
C ASN A 199 4.59 7.54 -0.48
N ARG A 200 5.58 8.24 -1.02
CA ARG A 200 5.40 9.63 -1.42
C ARG A 200 4.37 9.89 -2.54
N ALA A 201 4.19 8.94 -3.45
CA ALA A 201 3.26 9.10 -4.57
C ALA A 201 1.83 9.44 -4.18
N VAL A 202 1.47 9.08 -2.95
CA VAL A 202 0.12 9.34 -2.44
C VAL A 202 -0.22 10.84 -2.45
N ASP A 203 0.72 11.66 -2.01
CA ASP A 203 0.50 13.11 -1.96
C ASP A 203 0.45 13.73 -3.36
N TRP A 204 1.21 13.18 -4.30
CA TRP A 204 1.24 13.71 -5.66
C TRP A 204 -0.07 13.54 -6.39
N TRP A 205 -0.80 12.47 -6.05
CA TRP A 205 -2.12 12.25 -6.62
C TRP A 205 -2.99 13.36 -6.05
N SER A 206 -2.96 13.50 -4.73
CA SER A 206 -3.75 14.52 -4.08
C SER A 206 -3.49 15.90 -4.72
N LEU A 207 -2.21 16.24 -4.92
CA LEU A 207 -1.91 17.51 -5.55
C LEU A 207 -2.72 17.51 -6.84
N GLY A 208 -2.53 16.49 -7.67
CA GLY A 208 -3.28 16.39 -8.90
C GLY A 208 -4.76 16.69 -8.69
N ALA A 209 -5.42 15.89 -7.86
CA ALA A 209 -6.84 16.08 -7.55
C ALA A 209 -7.14 17.55 -7.24
N LEU A 210 -6.40 18.11 -6.29
CA LEU A 210 -6.51 19.51 -5.90
C LEU A 210 -6.45 20.36 -7.15
N MET A 211 -5.38 20.20 -7.93
CA MET A 211 -5.24 20.97 -9.14
C MET A 211 -6.50 20.87 -10.01
N TYR A 212 -6.95 19.64 -10.25
CA TYR A 212 -8.11 19.39 -11.08
C TYR A 212 -9.33 20.11 -10.56
N ASP A 213 -9.40 20.25 -9.24
CA ASP A 213 -10.52 20.91 -8.60
C ASP A 213 -10.33 22.42 -8.64
N MET A 214 -9.12 22.85 -8.93
CA MET A 214 -8.80 24.27 -9.02
C MET A 214 -9.15 24.86 -10.39
N LEU A 215 -8.81 24.15 -11.45
CA LEU A 215 -9.10 24.62 -12.79
C LEU A 215 -10.59 24.38 -13.11
N THR A 216 -11.04 23.15 -12.94
CA THR A 216 -12.46 22.83 -13.16
C THR A 216 -12.98 23.02 -11.76
N GLY A 217 -14.22 23.45 -11.61
CA GLY A 217 -14.72 23.67 -10.25
C GLY A 217 -15.05 22.42 -9.44
N ALA A 218 -14.59 21.25 -9.86
CA ALA A 218 -14.89 20.03 -9.11
C ALA A 218 -13.73 19.06 -8.95
N PRO A 219 -13.86 18.10 -8.03
CA PRO A 219 -12.80 17.11 -7.81
C PRO A 219 -12.86 16.13 -8.97
N PRO A 220 -11.75 15.43 -9.25
CA PRO A 220 -11.67 14.45 -10.34
C PRO A 220 -12.84 13.48 -10.47
N PHE A 221 -13.10 12.75 -9.39
CA PHE A 221 -14.16 11.74 -9.36
C PHE A 221 -15.12 11.91 -8.19
N THR A 222 -16.41 11.84 -8.49
CA THR A 222 -17.45 11.90 -7.46
C THR A 222 -18.70 11.21 -7.96
N GLY A 223 -19.53 10.79 -7.01
CA GLY A 223 -20.77 10.11 -7.35
C GLY A 223 -21.85 10.44 -6.33
N GLU A 224 -23.07 10.05 -6.62
CA GLU A 224 -24.19 10.33 -5.72
C GLU A 224 -23.98 9.77 -4.33
N ASN A 225 -23.01 8.88 -4.16
CA ASN A 225 -22.75 8.37 -2.83
C ASN A 225 -21.27 8.00 -2.68
N ARG A 226 -20.86 7.65 -1.46
CA ARG A 226 -19.48 7.34 -1.18
C ARG A 226 -18.97 6.11 -1.94
N LYS A 227 -19.75 5.04 -1.93
CA LYS A 227 -19.35 3.83 -2.63
C LYS A 227 -19.26 4.06 -4.13
N LYS A 228 -20.07 4.98 -4.64
CA LYS A 228 -20.07 5.30 -6.05
C LYS A 228 -18.83 6.12 -6.37
N THR A 229 -18.46 7.01 -5.45
CA THR A 229 -17.29 7.84 -5.66
C THR A 229 -16.03 7.02 -5.58
N ILE A 230 -15.96 6.13 -4.60
CA ILE A 230 -14.78 5.29 -4.48
C ILE A 230 -14.57 4.44 -5.73
N ASP A 231 -15.64 3.86 -6.25
CA ASP A 231 -15.51 3.03 -7.44
C ASP A 231 -14.94 3.87 -8.56
N LYS A 232 -15.47 5.07 -8.73
CA LYS A 232 -15.02 6.01 -9.76
C LYS A 232 -13.51 6.22 -9.69
N ILE A 233 -12.97 6.35 -8.48
CA ILE A 233 -11.55 6.58 -8.30
C ILE A 233 -10.75 5.31 -8.65
N LEU A 234 -11.11 4.19 -8.04
CA LEU A 234 -10.44 2.92 -8.29
C LEU A 234 -10.37 2.60 -9.79
N LYS A 235 -11.47 2.83 -10.51
CA LYS A 235 -11.56 2.62 -11.98
C LYS A 235 -11.55 4.04 -12.59
N CYS A 236 -10.41 4.70 -12.42
CA CYS A 236 -10.20 6.08 -12.85
C CYS A 236 -10.13 6.45 -14.31
N LYS A 237 -11.31 6.73 -14.87
CA LYS A 237 -11.44 7.16 -16.25
C LYS A 237 -11.36 8.69 -16.08
N LEU A 238 -10.19 9.24 -16.30
CA LEU A 238 -9.98 10.67 -16.14
C LEU A 238 -10.62 11.52 -17.22
N ASN A 239 -11.51 12.42 -16.82
CA ASN A 239 -12.21 13.32 -17.75
C ASN A 239 -11.65 14.75 -17.71
N LEU A 240 -10.72 15.04 -18.64
CA LEU A 240 -10.09 16.37 -18.71
C LEU A 240 -10.91 17.39 -19.54
N PRO A 241 -11.22 18.56 -18.96
CA PRO A 241 -12.00 19.58 -19.69
C PRO A 241 -11.24 20.00 -20.95
N PRO A 242 -11.94 20.21 -22.07
CA PRO A 242 -11.28 20.60 -23.32
C PRO A 242 -10.51 21.93 -23.29
N TYR A 243 -10.91 22.82 -22.37
CA TYR A 243 -10.30 24.15 -22.22
C TYR A 243 -9.02 24.23 -21.39
N LEU A 244 -8.32 23.12 -21.24
CA LEU A 244 -7.08 23.12 -20.48
C LEU A 244 -5.94 23.20 -21.47
N THR A 245 -4.88 23.92 -21.08
CA THR A 245 -3.70 24.05 -21.91
C THR A 245 -3.09 22.65 -21.99
N GLN A 246 -2.17 22.44 -22.93
CA GLN A 246 -1.53 21.13 -23.05
C GLN A 246 -0.71 20.86 -21.78
N GLU A 247 -0.11 21.91 -21.22
CA GLU A 247 0.69 21.81 -20.01
C GLU A 247 -0.14 21.23 -18.87
N ALA A 248 -1.19 21.95 -18.50
CA ALA A 248 -2.05 21.51 -17.41
C ALA A 248 -2.50 20.05 -17.56
N ARG A 249 -2.93 19.68 -18.77
CA ARG A 249 -3.40 18.33 -19.00
C ARG A 249 -2.31 17.28 -19.00
N ASP A 250 -1.08 17.67 -19.31
CA ASP A 250 0.00 16.70 -19.29
C ASP A 250 0.29 16.38 -17.83
N LEU A 251 0.26 17.40 -16.98
CA LEU A 251 0.53 17.21 -15.56
C LEU A 251 -0.60 16.48 -14.81
N LEU A 252 -1.86 16.74 -15.17
CA LEU A 252 -2.99 16.05 -14.52
C LEU A 252 -2.97 14.55 -14.88
N LYS A 253 -2.65 14.23 -16.13
CA LYS A 253 -2.58 12.83 -16.54
C LYS A 253 -1.34 12.19 -15.94
N LYS A 254 -0.34 13.03 -15.63
CA LYS A 254 0.91 12.54 -15.05
C LYS A 254 0.82 12.43 -13.54
N LEU A 255 -0.01 13.30 -12.95
CA LEU A 255 -0.23 13.33 -11.50
C LEU A 255 -1.34 12.35 -11.10
N LEU A 256 -2.43 12.35 -11.87
CA LEU A 256 -3.53 11.45 -11.58
C LEU A 256 -3.37 10.08 -12.26
N LYS A 257 -2.16 9.55 -12.28
CA LYS A 257 -1.88 8.25 -12.89
C LYS A 257 -2.18 7.19 -11.85
N ARG A 258 -3.12 6.30 -12.16
CA ARG A 258 -3.54 5.24 -11.25
C ARG A 258 -2.39 4.39 -10.73
N ASN A 259 -1.39 4.12 -11.56
CA ASN A 259 -0.25 3.32 -11.11
C ASN A 259 0.82 4.20 -10.44
N ALA A 260 0.81 4.20 -9.11
CA ALA A 260 1.75 4.99 -8.32
C ALA A 260 3.19 4.89 -8.80
N ALA A 261 3.59 3.72 -9.28
CA ALA A 261 4.97 3.48 -9.73
C ALA A 261 5.55 4.53 -10.72
N SER A 262 4.71 5.03 -11.62
CA SER A 262 5.14 6.00 -12.62
C SER A 262 4.45 7.35 -12.48
N ARG A 263 3.60 7.48 -11.46
CA ARG A 263 2.91 8.74 -11.18
C ARG A 263 4.03 9.80 -11.06
N LEU A 264 3.86 10.98 -11.66
CA LEU A 264 4.89 12.01 -11.59
C LEU A 264 5.17 12.43 -10.15
N GLY A 265 6.42 12.30 -9.72
CA GLY A 265 6.78 12.68 -8.37
C GLY A 265 7.08 11.45 -7.54
N ALA A 266 6.65 10.30 -8.04
CA ALA A 266 6.90 9.05 -7.33
C ALA A 266 8.38 8.70 -7.35
N GLY A 267 9.13 9.29 -8.26
CA GLY A 267 10.55 9.00 -8.35
C GLY A 267 11.41 9.59 -7.24
N PRO A 268 12.72 9.33 -7.25
CA PRO A 268 13.62 9.86 -6.23
C PRO A 268 13.81 11.38 -6.37
N GLY A 269 13.41 11.92 -7.52
CA GLY A 269 13.53 13.35 -7.71
C GLY A 269 12.46 14.10 -6.93
N ASP A 270 11.41 13.37 -6.56
CA ASP A 270 10.28 13.89 -5.82
C ASP A 270 9.75 15.20 -6.38
N ALA A 271 9.47 16.17 -5.52
CA ALA A 271 8.92 17.42 -6.01
C ALA A 271 9.77 17.99 -7.14
N GLY A 272 10.96 17.45 -7.30
CA GLY A 272 11.84 17.90 -8.37
C GLY A 272 11.22 17.57 -9.72
N GLU A 273 10.67 16.36 -9.84
CA GLU A 273 10.06 15.95 -11.09
C GLU A 273 8.83 16.79 -11.32
N VAL A 274 8.07 17.04 -10.26
CA VAL A 274 6.85 17.81 -10.39
C VAL A 274 7.10 19.26 -10.77
N GLN A 275 8.00 19.93 -10.05
CA GLN A 275 8.30 21.33 -10.31
C GLN A 275 8.99 21.55 -11.66
N ALA A 276 9.70 20.53 -12.15
CA ALA A 276 10.38 20.62 -13.42
C ALA A 276 9.40 20.80 -14.57
N HIS A 277 8.26 20.11 -14.48
CA HIS A 277 7.21 20.16 -15.50
C HIS A 277 6.98 21.54 -16.12
N PRO A 278 6.84 21.59 -17.45
CA PRO A 278 6.61 22.86 -18.14
C PRO A 278 5.36 23.61 -17.70
N PHE A 279 4.53 22.99 -16.87
CA PHE A 279 3.33 23.69 -16.40
C PHE A 279 3.79 24.76 -15.42
N PHE A 280 4.95 24.50 -14.83
CA PHE A 280 5.56 25.39 -13.83
C PHE A 280 6.76 26.18 -14.40
N ARG A 281 6.90 26.17 -15.73
CA ARG A 281 8.00 26.87 -16.40
C ARG A 281 8.15 28.35 -16.06
N HIS A 282 7.07 29.02 -15.67
CA HIS A 282 7.14 30.44 -15.34
C HIS A 282 7.38 30.69 -13.85
N ILE A 283 7.64 29.62 -13.10
CA ILE A 283 7.86 29.77 -11.66
C ILE A 283 9.33 29.86 -11.30
N ASN A 284 9.67 30.84 -10.46
CA ASN A 284 11.04 30.97 -9.99
C ASN A 284 10.98 30.48 -8.55
N TRP A 285 11.59 29.33 -8.29
CA TRP A 285 11.55 28.71 -6.97
C TRP A 285 12.26 29.46 -5.86
N GLU A 286 13.44 30.01 -6.14
CA GLU A 286 14.16 30.78 -5.11
C GLU A 286 13.23 31.90 -4.66
N GLU A 287 12.67 32.61 -5.64
CA GLU A 287 11.76 33.71 -5.38
C GLU A 287 10.55 33.23 -4.55
N LEU A 288 9.85 32.23 -5.06
CA LEU A 288 8.66 31.70 -4.41
C LEU A 288 8.92 31.31 -2.95
N LEU A 289 10.04 30.64 -2.68
CA LEU A 289 10.36 30.20 -1.32
C LEU A 289 10.61 31.42 -0.42
N ALA A 290 10.84 32.56 -1.05
CA ALA A 290 11.12 33.79 -0.34
C ALA A 290 9.87 34.65 -0.21
N ARG A 291 8.72 34.09 -0.60
CA ARG A 291 7.45 34.81 -0.53
C ARG A 291 7.55 36.13 -1.31
N LYS A 292 8.48 36.18 -2.27
CA LYS A 292 8.69 37.37 -3.08
C LYS A 292 7.81 37.30 -4.34
N VAL A 293 7.10 36.18 -4.51
CA VAL A 293 6.16 36.02 -5.62
C VAL A 293 4.79 36.37 -5.03
N GLU A 294 4.04 37.20 -5.73
CA GLU A 294 2.76 37.69 -5.22
C GLU A 294 1.50 36.88 -5.53
N PRO A 295 0.72 36.57 -4.48
CA PRO A 295 -0.52 35.80 -4.64
C PRO A 295 -1.55 36.58 -5.45
N PRO A 296 -2.29 35.89 -6.33
CA PRO A 296 -3.31 36.53 -7.15
C PRO A 296 -4.54 36.96 -6.37
N PHE A 297 -4.49 36.77 -5.05
CA PHE A 297 -5.58 37.17 -4.16
C PHE A 297 -4.97 37.66 -2.86
N LYS A 298 -5.25 38.91 -2.51
CA LYS A 298 -4.76 39.45 -1.26
C LYS A 298 -6.01 39.67 -0.40
N PRO A 299 -6.30 38.73 0.51
CA PRO A 299 -7.45 38.77 1.41
C PRO A 299 -7.52 39.97 2.36
N LYS B 13 5.48 -33.73 29.09
CA LYS B 13 5.23 -34.49 27.83
C LYS B 13 6.10 -33.93 26.69
N ILE B 14 5.57 -33.90 25.47
CA ILE B 14 6.33 -33.46 24.30
C ILE B 14 7.25 -32.24 24.49
N ARG B 15 8.53 -32.47 24.20
CA ARG B 15 9.59 -31.48 24.34
C ARG B 15 10.68 -31.74 23.29
N PRO B 16 11.60 -30.78 23.10
CA PRO B 16 12.67 -30.91 22.11
C PRO B 16 13.49 -32.20 22.10
N GLU B 17 13.60 -32.89 23.23
CA GLU B 17 14.38 -34.13 23.27
C GLU B 17 13.62 -35.33 22.70
N CYS B 18 12.34 -35.15 22.42
CA CYS B 18 11.54 -36.24 21.87
C CYS B 18 11.91 -36.48 20.41
N PHE B 19 12.89 -35.72 19.91
CA PHE B 19 13.26 -35.83 18.50
C PHE B 19 14.75 -35.97 18.18
N GLU B 20 15.06 -36.71 17.12
CA GLU B 20 16.44 -36.88 16.70
C GLU B 20 16.57 -36.26 15.31
N LEU B 21 17.62 -35.48 15.11
CA LEU B 21 17.84 -34.79 13.83
C LEU B 21 18.44 -35.66 12.76
N LEU B 22 17.70 -35.82 11.66
CA LEU B 22 18.18 -36.63 10.54
C LEU B 22 18.97 -35.77 9.56
N ARG B 23 18.30 -34.78 8.96
CA ARG B 23 18.94 -33.86 8.02
C ARG B 23 18.29 -32.48 8.06
N VAL B 24 18.96 -31.50 7.49
CA VAL B 24 18.40 -30.15 7.45
C VAL B 24 17.63 -30.14 6.14
N LEU B 25 16.46 -29.53 6.14
CA LEU B 25 15.66 -29.48 4.93
C LEU B 25 15.75 -28.11 4.24
N GLY B 26 15.98 -27.07 5.03
CA GLY B 26 16.11 -25.74 4.49
C GLY B 26 16.33 -24.70 5.58
N LYS B 27 16.97 -23.60 5.19
CA LYS B 27 17.16 -22.48 6.10
C LYS B 27 15.88 -21.72 5.87
N GLY B 28 15.10 -22.18 4.87
CA GLY B 28 13.85 -21.49 4.53
C GLY B 28 13.28 -20.44 5.49
N GLY B 29 13.37 -19.15 5.16
CA GLY B 29 12.90 -18.14 6.11
C GLY B 29 13.90 -17.82 7.24
N TYR B 30 13.39 -17.52 8.43
CA TYR B 30 14.20 -17.26 9.62
C TYR B 30 14.10 -18.63 10.27
N GLY B 31 15.12 -19.13 10.97
CA GLY B 31 15.01 -20.46 11.54
C GLY B 31 15.23 -21.56 10.51
N LYS B 32 15.85 -22.65 10.95
CA LYS B 32 16.13 -23.80 10.10
C LYS B 32 14.96 -24.77 10.22
N VAL B 33 14.78 -25.61 9.21
CA VAL B 33 13.72 -26.62 9.22
C VAL B 33 14.41 -27.96 9.08
N PHE B 34 14.27 -28.76 10.12
CA PHE B 34 14.89 -30.08 10.17
C PHE B 34 13.92 -31.22 9.88
N GLN B 35 14.46 -32.32 9.37
CA GLN B 35 13.69 -33.53 9.16
C GLN B 35 13.91 -34.18 10.52
N VAL B 36 13.04 -35.09 10.95
CA VAL B 36 13.23 -35.59 12.31
C VAL B 36 12.49 -36.92 12.60
N ARG B 37 13.07 -37.79 13.47
CA ARG B 37 12.42 -39.05 13.92
C ARG B 37 11.91 -38.78 15.33
N LYS B 38 10.69 -39.21 15.66
CA LYS B 38 10.24 -38.99 17.01
C LYS B 38 10.77 -40.23 17.75
N VAL B 39 11.62 -40.01 18.76
CA VAL B 39 12.23 -41.08 19.55
C VAL B 39 11.32 -41.69 20.62
N THR B 40 10.84 -40.86 21.54
CA THR B 40 9.95 -41.32 22.61
C THR B 40 8.52 -41.11 22.13
N GLY B 41 7.60 -40.86 23.06
CA GLY B 41 6.21 -40.61 22.70
C GLY B 41 5.47 -41.74 22.01
N ALA B 42 4.22 -41.46 21.65
CA ALA B 42 3.37 -42.44 20.99
C ALA B 42 3.77 -42.71 19.54
N ASN B 43 4.20 -41.68 18.84
CA ASN B 43 4.58 -41.85 17.45
C ASN B 43 6.00 -42.31 17.22
N THR B 44 6.59 -42.98 18.21
CA THR B 44 7.99 -43.43 18.07
C THR B 44 8.25 -44.04 16.70
N GLY B 45 9.21 -43.48 15.99
CA GLY B 45 9.53 -44.00 14.67
C GLY B 45 9.03 -43.14 13.54
N LYS B 46 7.88 -42.49 13.75
CA LYS B 46 7.29 -41.65 12.71
C LYS B 46 8.18 -40.46 12.40
N ILE B 47 8.28 -40.11 11.11
CA ILE B 47 9.10 -38.98 10.67
C ILE B 47 8.28 -37.69 10.53
N PHE B 48 8.84 -36.61 11.06
CA PHE B 48 8.22 -35.29 11.00
C PHE B 48 9.22 -34.24 10.49
N ALA B 49 8.73 -33.01 10.32
CA ALA B 49 9.57 -31.88 9.91
C ALA B 49 9.49 -31.00 11.14
N MET B 50 10.61 -30.57 11.68
CA MET B 50 10.58 -29.72 12.85
C MET B 50 11.16 -28.35 12.51
N LYS B 51 10.33 -27.32 12.59
CA LYS B 51 10.75 -25.96 12.27
C LYS B 51 11.09 -25.19 13.56
N VAL B 52 12.33 -24.73 13.66
CA VAL B 52 12.80 -24.02 14.86
C VAL B 52 13.01 -22.50 14.65
N LEU B 53 12.30 -21.71 15.45
CA LEU B 53 12.40 -20.25 15.38
C LEU B 53 13.20 -19.67 16.52
N LYS B 54 14.30 -19.04 16.19
CA LYS B 54 15.15 -18.42 17.20
C LYS B 54 14.37 -17.24 17.82
N LYS B 55 13.76 -17.47 18.98
CA LYS B 55 12.99 -16.42 19.65
C LYS B 55 13.80 -15.81 20.80
N LYS B 79 -7.98 -27.20 9.46
CA LYS B 79 -7.63 -28.42 8.75
C LYS B 79 -8.11 -28.43 7.30
N HIS B 80 -7.17 -28.30 6.36
CA HIS B 80 -7.47 -28.28 4.92
C HIS B 80 -6.55 -29.24 4.15
N PRO B 81 -7.09 -29.93 3.14
CA PRO B 81 -6.26 -30.86 2.37
C PRO B 81 -5.05 -30.25 1.67
N PHE B 82 -5.06 -28.94 1.47
CA PHE B 82 -3.93 -28.28 0.81
C PHE B 82 -3.08 -27.42 1.73
N ILE B 83 -3.33 -27.54 3.02
CA ILE B 83 -2.54 -26.83 4.01
C ILE B 83 -1.80 -27.88 4.84
N VAL B 84 -0.49 -27.70 5.01
CA VAL B 84 0.30 -28.66 5.79
C VAL B 84 -0.14 -28.66 7.27
N ASP B 85 -0.46 -29.85 7.77
CA ASP B 85 -0.91 -30.00 9.14
C ASP B 85 0.19 -29.81 10.15
N LEU B 86 -0.14 -29.15 11.24
CA LEU B 86 0.81 -28.90 12.33
C LEU B 86 0.47 -29.97 13.33
N ILE B 87 1.48 -30.52 14.00
CA ILE B 87 1.22 -31.58 14.96
C ILE B 87 1.46 -31.12 16.37
N TYR B 88 2.70 -30.73 16.65
CA TYR B 88 3.04 -30.27 17.98
C TYR B 88 3.64 -28.89 17.86
N ALA B 89 3.59 -28.15 18.97
CA ALA B 89 4.16 -26.82 19.03
C ALA B 89 4.53 -26.53 20.48
N PHE B 90 5.81 -26.29 20.74
CA PHE B 90 6.24 -25.99 22.09
C PHE B 90 7.34 -24.93 22.19
N GLN B 91 7.34 -24.23 23.32
CA GLN B 91 8.29 -23.15 23.59
C GLN B 91 9.22 -23.61 24.70
N THR B 92 10.52 -23.34 24.56
CA THR B 92 11.49 -23.73 25.58
C THR B 92 12.56 -22.66 25.84
N GLY B 93 13.82 -23.05 25.68
CA GLY B 93 14.92 -22.14 25.91
C GLY B 93 15.02 -21.03 24.88
N GLY B 94 13.93 -20.27 24.73
CA GLY B 94 13.92 -19.17 23.77
C GLY B 94 13.75 -19.60 22.33
N LYS B 95 13.44 -20.88 22.12
CA LYS B 95 13.26 -21.40 20.79
C LYS B 95 11.86 -22.01 20.59
N LEU B 96 11.07 -21.42 19.70
CA LEU B 96 9.73 -21.91 19.40
C LEU B 96 9.84 -23.07 18.40
N TYR B 97 9.31 -24.24 18.79
CA TYR B 97 9.38 -25.42 17.94
C TYR B 97 8.08 -25.78 17.24
N LEU B 98 8.16 -26.12 15.96
CA LEU B 98 6.97 -26.51 15.21
C LEU B 98 7.19 -27.88 14.57
N ILE B 99 6.38 -28.85 14.97
CA ILE B 99 6.49 -30.18 14.42
C ILE B 99 5.40 -30.32 13.37
N LEU B 100 5.75 -30.04 12.12
CA LEU B 100 4.81 -30.09 11.01
C LEU B 100 4.91 -31.44 10.32
N GLU B 101 3.78 -31.96 9.81
CA GLU B 101 3.80 -33.24 9.12
C GLU B 101 4.90 -33.20 8.07
N TYR B 102 5.44 -34.37 7.75
CA TYR B 102 6.49 -34.46 6.75
C TYR B 102 5.86 -34.79 5.39
N LEU B 103 6.38 -34.19 4.33
CA LEU B 103 5.87 -34.40 2.99
C LEU B 103 6.99 -34.96 2.12
N SER B 104 6.84 -36.19 1.65
CA SER B 104 7.87 -36.81 0.83
C SER B 104 8.16 -35.99 -0.42
N GLY B 105 7.11 -35.68 -1.19
CA GLY B 105 7.30 -34.90 -2.39
C GLY B 105 7.48 -33.45 -1.99
N GLY B 106 8.14 -33.25 -0.85
CA GLY B 106 8.33 -31.92 -0.32
C GLY B 106 9.16 -30.95 -1.14
N GLU B 107 9.83 -31.46 -2.17
CA GLU B 107 10.64 -30.56 -2.98
C GLU B 107 10.49 -30.97 -4.43
N LEU B 108 9.54 -31.87 -4.68
CA LEU B 108 9.26 -32.40 -6.01
C LEU B 108 8.75 -31.34 -6.99
N PHE B 109 8.14 -30.28 -6.48
CA PHE B 109 7.63 -29.26 -7.37
C PHE B 109 8.78 -28.45 -7.93
N MET B 110 9.66 -28.01 -7.04
CA MET B 110 10.81 -27.20 -7.41
C MET B 110 11.77 -27.94 -8.35
N GLN B 111 11.48 -29.22 -8.62
CA GLN B 111 12.32 -30.02 -9.49
C GLN B 111 11.62 -30.31 -10.80
N LEU B 112 10.29 -30.33 -10.74
CA LEU B 112 9.50 -30.55 -11.94
C LEU B 112 9.63 -29.31 -12.81
N GLU B 113 9.90 -28.17 -12.18
CA GLU B 113 10.05 -26.90 -12.88
C GLU B 113 11.47 -26.73 -13.39
N ARG B 114 12.38 -27.59 -12.95
CA ARG B 114 13.75 -27.54 -13.43
C ARG B 114 13.81 -28.36 -14.71
N GLU B 115 12.94 -29.37 -14.79
CA GLU B 115 12.85 -30.22 -15.98
C GLU B 115 11.89 -29.51 -16.94
N GLY B 116 11.09 -28.60 -16.37
CA GLY B 116 10.13 -27.85 -17.15
C GLY B 116 9.17 -28.72 -17.95
N ILE B 117 9.05 -29.99 -17.55
CA ILE B 117 8.16 -30.93 -18.24
C ILE B 117 6.69 -30.51 -18.09
N PHE B 118 6.47 -29.33 -17.52
CA PHE B 118 5.13 -28.77 -17.32
C PHE B 118 4.46 -28.47 -18.64
N MET B 119 3.30 -29.09 -18.84
CA MET B 119 2.51 -28.86 -20.03
C MET B 119 1.37 -28.02 -19.46
N GLU B 120 0.56 -27.42 -20.32
CA GLU B 120 -0.55 -26.61 -19.84
C GLU B 120 -1.48 -27.38 -18.92
N ASP B 121 -2.07 -28.46 -19.43
CA ASP B 121 -3.01 -29.23 -18.63
C ASP B 121 -2.39 -29.74 -17.34
N THR B 122 -1.07 -29.92 -17.35
CA THR B 122 -0.40 -30.41 -16.16
C THR B 122 -0.41 -29.33 -15.11
N ALA B 123 -0.09 -28.12 -15.52
CA ALA B 123 -0.04 -26.96 -14.64
C ALA B 123 -1.42 -26.57 -14.13
N CYS B 124 -2.43 -26.78 -14.96
CA CYS B 124 -3.79 -26.43 -14.59
C CYS B 124 -4.20 -27.10 -13.31
N PHE B 125 -3.64 -28.28 -13.08
CA PHE B 125 -3.92 -29.07 -11.90
C PHE B 125 -3.38 -28.39 -10.66
N TYR B 126 -2.08 -28.13 -10.64
CA TYR B 126 -1.45 -27.50 -9.49
C TYR B 126 -2.01 -26.10 -9.19
N LEU B 127 -2.25 -25.32 -10.23
CA LEU B 127 -2.80 -23.98 -10.05
C LEU B 127 -4.20 -24.09 -9.47
N ALA B 128 -4.92 -25.13 -9.85
CA ALA B 128 -6.27 -25.30 -9.36
C ALA B 128 -6.29 -25.64 -7.87
N GLU B 129 -5.40 -26.52 -7.44
CA GLU B 129 -5.38 -26.87 -6.02
C GLU B 129 -4.86 -25.72 -5.20
N ILE B 130 -3.93 -24.95 -5.76
CA ILE B 130 -3.38 -23.80 -5.07
C ILE B 130 -4.48 -22.75 -4.98
N SER B 131 -5.28 -22.62 -6.02
CA SER B 131 -6.34 -21.62 -5.97
C SER B 131 -7.27 -21.93 -4.79
N MET B 132 -7.57 -23.22 -4.59
CA MET B 132 -8.41 -23.63 -3.47
C MET B 132 -7.70 -23.33 -2.14
N ALA B 133 -6.41 -23.60 -2.10
CA ALA B 133 -5.60 -23.33 -0.93
C ALA B 133 -5.59 -21.82 -0.61
N LEU B 134 -5.57 -21.00 -1.65
CA LEU B 134 -5.56 -19.55 -1.47
C LEU B 134 -6.93 -19.06 -1.02
N GLY B 135 -7.99 -19.61 -1.61
CA GLY B 135 -9.34 -19.21 -1.26
C GLY B 135 -9.62 -19.43 0.22
N HIS B 136 -9.29 -20.62 0.72
CA HIS B 136 -9.48 -20.94 2.11
C HIS B 136 -8.64 -20.03 3.02
N LEU B 137 -7.39 -19.77 2.65
CA LEU B 137 -6.54 -18.92 3.48
C LEU B 137 -7.15 -17.52 3.50
N HIS B 138 -7.78 -17.14 2.39
CA HIS B 138 -8.40 -15.84 2.31
C HIS B 138 -9.65 -15.70 3.20
N GLN B 139 -10.51 -16.72 3.18
CA GLN B 139 -11.70 -16.71 4.00
C GLN B 139 -11.29 -16.59 5.46
N LYS B 140 -10.24 -17.30 5.86
CA LYS B 140 -9.75 -17.23 7.24
C LYS B 140 -8.98 -15.94 7.47
N GLY B 141 -9.04 -15.05 6.48
CA GLY B 141 -8.39 -13.76 6.56
C GLY B 141 -6.87 -13.76 6.55
N ILE B 142 -6.27 -14.62 5.74
CA ILE B 142 -4.81 -14.70 5.66
C ILE B 142 -4.35 -14.48 4.22
N ILE B 143 -3.31 -13.67 4.04
CA ILE B 143 -2.78 -13.48 2.69
C ILE B 143 -1.40 -14.11 2.69
N TYR B 144 -1.01 -14.71 1.58
CA TYR B 144 0.27 -15.40 1.51
C TYR B 144 1.45 -14.50 1.19
N ARG B 145 1.28 -13.69 0.15
CA ARG B 145 2.32 -12.77 -0.32
C ARG B 145 3.45 -13.51 -1.04
N ASP B 146 4.04 -14.51 -0.38
CA ASP B 146 5.13 -15.29 -0.96
C ASP B 146 4.72 -15.94 -2.28
N LEU B 147 4.09 -17.09 -2.14
CA LEU B 147 3.68 -17.89 -3.28
C LEU B 147 4.73 -17.88 -4.37
N LYS B 148 5.87 -18.49 -4.08
CA LYS B 148 6.94 -18.65 -5.06
C LYS B 148 7.00 -20.16 -5.24
N PRO B 149 7.52 -20.66 -6.37
CA PRO B 149 7.56 -22.12 -6.53
C PRO B 149 8.30 -22.85 -5.41
N GLU B 150 9.21 -22.15 -4.75
CA GLU B 150 9.98 -22.74 -3.66
C GLU B 150 9.12 -22.94 -2.40
N ASN B 151 7.91 -22.38 -2.43
CA ASN B 151 7.00 -22.48 -1.29
C ASN B 151 5.88 -23.47 -1.52
N ILE B 152 5.95 -24.17 -2.63
CA ILE B 152 4.94 -25.16 -2.97
C ILE B 152 5.45 -26.57 -2.72
N MET B 153 4.83 -27.27 -1.78
CA MET B 153 5.22 -28.62 -1.45
C MET B 153 4.19 -29.62 -1.97
N LEU B 154 4.52 -30.91 -1.91
CA LEU B 154 3.61 -31.97 -2.35
C LEU B 154 3.61 -33.09 -1.31
N ASN B 155 2.55 -33.89 -1.29
CA ASN B 155 2.50 -35.01 -0.35
C ASN B 155 2.70 -36.29 -1.14
N HIS B 156 2.88 -37.41 -0.44
CA HIS B 156 3.13 -38.71 -1.06
C HIS B 156 2.23 -38.99 -2.27
N GLN B 157 1.03 -38.40 -2.27
CA GLN B 157 0.11 -38.59 -3.37
C GLN B 157 0.46 -37.68 -4.54
N GLY B 158 1.04 -36.52 -4.24
CA GLY B 158 1.41 -35.56 -5.27
C GLY B 158 0.58 -34.28 -5.27
N HIS B 159 -0.24 -34.10 -4.24
CA HIS B 159 -1.09 -32.92 -4.11
C HIS B 159 -0.37 -31.75 -3.45
N VAL B 160 -0.90 -30.55 -3.64
CA VAL B 160 -0.33 -29.35 -3.07
C VAL B 160 -0.53 -29.21 -1.57
N LYS B 161 0.49 -28.66 -0.91
CA LYS B 161 0.48 -28.38 0.52
C LYS B 161 1.24 -27.06 0.74
N LEU B 162 0.57 -26.07 1.34
CA LEU B 162 1.19 -24.78 1.66
C LEU B 162 1.35 -24.69 3.16
N THR B 163 1.95 -23.59 3.63
CA THR B 163 2.14 -23.35 5.05
C THR B 163 1.49 -22.03 5.44
N ASP B 164 1.98 -21.44 6.52
CA ASP B 164 1.52 -20.15 7.02
C ASP B 164 2.76 -19.48 7.59
N PHE B 165 3.70 -19.23 6.68
CA PHE B 165 4.99 -18.63 6.97
C PHE B 165 5.03 -17.39 7.86
N GLY B 166 6.25 -16.90 8.09
CA GLY B 166 6.46 -15.71 8.89
C GLY B 166 6.66 -14.56 7.93
N LEU B 167 5.92 -14.58 6.83
CA LEU B 167 5.95 -13.54 5.82
C LEU B 167 4.53 -13.38 5.29
N CYS B 168 3.63 -14.19 5.86
CA CYS B 168 2.21 -14.15 5.53
C CYS B 168 1.52 -13.17 6.51
N LYS B 169 0.67 -12.27 6.02
CA LYS B 169 -0.01 -11.33 6.93
C LYS B 169 -1.54 -11.47 6.99
N GLU B 170 -2.16 -10.75 7.92
CA GLU B 170 -3.61 -10.89 8.22
C GLU B 170 -4.75 -9.98 7.75
N SER B 171 -5.49 -10.42 6.71
CA SER B 171 -6.68 -9.73 6.20
C SER B 171 -7.08 -10.11 4.78
N CYS B 182 -12.53 8.44 6.49
CA CYS B 182 -13.86 8.81 6.96
C CYS B 182 -14.14 10.32 6.83
N GLY B 183 -13.15 11.07 6.36
CA GLY B 183 -13.31 12.51 6.18
C GLY B 183 -13.98 12.74 4.83
N THR B 184 -13.18 12.87 3.78
CA THR B 184 -13.69 13.00 2.42
C THR B 184 -12.63 12.26 1.59
N ILE B 185 -13.08 11.35 0.76
CA ILE B 185 -12.16 10.52 -0.02
C ILE B 185 -11.97 10.94 -1.47
N GLU B 186 -12.63 12.01 -1.89
CA GLU B 186 -12.53 12.43 -3.26
C GLU B 186 -11.20 13.05 -3.63
N TYR B 187 -10.28 13.10 -2.68
CA TYR B 187 -8.98 13.71 -2.94
C TYR B 187 -7.80 12.79 -2.72
N MET B 188 -8.07 11.59 -2.21
CA MET B 188 -6.99 10.65 -1.93
C MET B 188 -6.84 9.52 -2.96
N ALA B 189 -5.59 9.12 -3.16
CA ALA B 189 -5.22 8.10 -4.13
C ALA B 189 -5.97 6.78 -4.03
N PRO B 190 -6.20 6.14 -5.17
CA PRO B 190 -6.92 4.87 -5.23
C PRO B 190 -6.25 3.75 -4.47
N GLU B 191 -4.96 3.88 -4.20
CA GLU B 191 -4.29 2.82 -3.49
C GLU B 191 -4.68 2.83 -2.03
N ILE B 192 -4.99 4.02 -1.52
CA ILE B 192 -5.36 4.13 -0.12
C ILE B 192 -6.77 3.59 0.08
N LEU B 193 -7.66 3.87 -0.85
CA LEU B 193 -9.03 3.41 -0.72
C LEU B 193 -9.19 1.89 -0.85
N MET B 194 -8.16 1.21 -1.38
CA MET B 194 -8.27 -0.23 -1.53
C MET B 194 -7.29 -1.05 -0.70
N ARG B 195 -6.71 -0.46 0.35
CA ARG B 195 -5.84 -1.20 1.26
C ARG B 195 -4.74 -1.99 0.49
N SER B 196 -3.92 -1.28 -0.30
CA SER B 196 -2.88 -1.93 -1.11
C SER B 196 -1.76 -2.74 -0.45
N GLY B 197 -1.32 -3.78 -1.15
CA GLY B 197 -0.26 -4.64 -0.68
C GLY B 197 -0.57 -5.37 0.60
N HIS B 198 -1.81 -5.22 1.06
CA HIS B 198 -2.21 -5.87 2.30
C HIS B 198 -3.59 -6.47 2.19
N ASN B 199 -4.10 -6.55 0.96
CA ASN B 199 -5.39 -7.18 0.75
C ASN B 199 -5.11 -8.48 -0.02
N ARG B 200 -6.13 -9.29 -0.30
CA ARG B 200 -5.84 -10.56 -0.96
C ARG B 200 -5.55 -10.56 -2.47
N ALA B 201 -5.46 -9.38 -3.09
CA ALA B 201 -5.16 -9.33 -4.50
C ALA B 201 -3.68 -9.62 -4.72
N VAL B 202 -2.88 -9.46 -3.68
CA VAL B 202 -1.46 -9.74 -3.84
C VAL B 202 -1.26 -11.20 -4.23
N ASP B 203 -2.07 -12.07 -3.67
CA ASP B 203 -1.94 -13.50 -3.92
C ASP B 203 -2.29 -13.90 -5.35
N TRP B 204 -3.26 -13.24 -5.95
CA TRP B 204 -3.65 -13.59 -7.31
C TRP B 204 -2.65 -13.12 -8.36
N TRP B 205 -1.84 -12.11 -8.02
CA TRP B 205 -0.79 -11.67 -8.93
C TRP B 205 0.23 -12.81 -8.92
N SER B 206 0.56 -13.26 -7.70
CA SER B 206 1.51 -14.34 -7.50
C SER B 206 1.02 -15.67 -8.11
N LEU B 207 -0.30 -15.88 -8.15
CA LEU B 207 -0.77 -17.10 -8.81
C LEU B 207 -0.39 -16.96 -10.29
N GLY B 208 -0.58 -15.77 -10.85
CA GLY B 208 -0.22 -15.55 -12.24
C GLY B 208 1.27 -15.73 -12.50
N ALA B 209 2.10 -15.03 -11.73
CA ALA B 209 3.54 -15.12 -11.87
C ALA B 209 3.99 -16.57 -11.85
N LEU B 210 3.41 -17.35 -10.94
CA LEU B 210 3.72 -18.76 -10.82
C LEU B 210 3.27 -19.50 -12.10
N MET B 211 2.04 -19.23 -12.53
CA MET B 211 1.49 -19.85 -13.74
C MET B 211 2.40 -19.51 -14.90
N TYR B 212 2.78 -18.23 -14.99
CA TYR B 212 3.66 -17.77 -16.06
C TYR B 212 4.96 -18.58 -16.14
N ASP B 213 5.54 -18.87 -14.99
CA ASP B 213 6.79 -19.62 -14.90
C ASP B 213 6.61 -21.11 -15.23
N MET B 214 5.45 -21.65 -14.88
CA MET B 214 5.14 -23.04 -15.14
C MET B 214 4.95 -23.30 -16.62
N LEU B 215 4.62 -22.26 -17.37
CA LEU B 215 4.37 -22.44 -18.80
C LEU B 215 5.40 -21.88 -19.74
N THR B 216 6.44 -21.24 -19.23
CA THR B 216 7.43 -20.66 -20.13
C THR B 216 8.86 -20.97 -19.73
N GLY B 217 9.11 -21.13 -18.44
CA GLY B 217 10.45 -21.42 -17.96
C GLY B 217 10.99 -20.36 -17.02
N ALA B 218 10.30 -19.23 -16.93
CA ALA B 218 10.73 -18.15 -16.04
C ALA B 218 9.58 -17.24 -15.63
N PRO B 219 9.82 -16.43 -14.60
CA PRO B 219 8.80 -15.50 -14.09
C PRO B 219 8.59 -14.32 -15.08
N PRO B 220 7.41 -13.72 -15.08
CA PRO B 220 7.03 -12.61 -15.95
C PRO B 220 8.02 -11.46 -16.15
N PHE B 221 8.63 -11.00 -15.07
CA PHE B 221 9.50 -9.85 -15.15
C PHE B 221 10.86 -10.06 -14.53
N THR B 222 11.69 -10.85 -15.18
CA THR B 222 13.01 -11.08 -14.61
C THR B 222 14.01 -10.01 -15.08
N GLY B 223 14.97 -9.68 -14.22
CA GLY B 223 15.96 -8.68 -14.57
C GLY B 223 17.38 -9.11 -14.23
N GLU B 224 18.35 -8.49 -14.89
CA GLU B 224 19.77 -8.82 -14.70
C GLU B 224 20.27 -8.63 -13.27
N ASN B 225 19.55 -7.84 -12.48
CA ASN B 225 19.89 -7.64 -11.07
C ASN B 225 18.59 -7.35 -10.33
N ARG B 226 18.65 -7.32 -9.01
CA ARG B 226 17.45 -7.10 -8.20
C ARG B 226 16.76 -5.78 -8.54
N LYS B 227 17.54 -4.72 -8.72
CA LYS B 227 17.01 -3.40 -9.06
C LYS B 227 16.21 -3.38 -10.35
N LYS B 228 16.83 -3.86 -11.44
CA LYS B 228 16.17 -3.90 -12.75
C LYS B 228 14.93 -4.78 -12.76
N THR B 229 14.98 -5.87 -11.99
CA THR B 229 13.87 -6.80 -11.87
C THR B 229 12.68 -6.08 -11.23
N ILE B 230 12.91 -5.50 -10.06
CA ILE B 230 11.85 -4.79 -9.35
C ILE B 230 11.24 -3.71 -10.23
N ASP B 231 12.08 -3.06 -11.03
CA ASP B 231 11.60 -2.00 -11.88
C ASP B 231 10.80 -2.55 -13.05
N LYS B 232 11.27 -3.65 -13.61
CA LYS B 232 10.56 -4.24 -14.73
C LYS B 232 9.21 -4.75 -14.22
N ILE B 233 9.18 -5.13 -12.95
CA ILE B 233 7.96 -5.60 -12.32
C ILE B 233 6.95 -4.47 -12.20
N LEU B 234 7.40 -3.37 -11.60
CA LEU B 234 6.54 -2.21 -11.39
C LEU B 234 6.12 -1.52 -12.69
N LYS B 235 7.05 -1.45 -13.65
CA LYS B 235 6.78 -0.79 -14.93
C LYS B 235 6.10 -1.73 -15.93
N CYS B 236 6.16 -3.02 -15.63
CA CYS B 236 5.52 -4.08 -16.42
C CYS B 236 5.77 -4.23 -17.92
N LYS B 237 4.64 -4.42 -18.60
CA LYS B 237 4.53 -4.66 -20.03
C LYS B 237 4.79 -6.16 -20.20
N LEU B 238 3.75 -6.91 -19.86
CA LEU B 238 3.78 -8.35 -19.91
C LEU B 238 3.87 -8.84 -21.34
N ASN B 239 4.86 -9.71 -21.58
CA ASN B 239 5.07 -10.29 -22.90
C ASN B 239 4.61 -11.75 -22.91
N LEU B 240 3.54 -12.03 -23.65
CA LEU B 240 3.00 -13.37 -23.73
C LEU B 240 3.47 -14.15 -24.95
N PRO B 241 4.25 -15.23 -24.74
CA PRO B 241 4.77 -16.07 -25.81
C PRO B 241 3.63 -16.58 -26.72
N PRO B 242 3.95 -16.95 -27.98
CA PRO B 242 3.00 -17.44 -28.98
C PRO B 242 2.32 -18.77 -28.72
N TYR B 243 3.03 -19.66 -28.02
CA TYR B 243 2.50 -20.97 -27.71
C TYR B 243 1.40 -21.01 -26.64
N LEU B 244 1.39 -20.04 -25.73
CA LEU B 244 0.37 -20.01 -24.68
C LEU B 244 -1.00 -20.09 -25.35
N THR B 245 -1.88 -20.91 -24.79
CA THR B 245 -3.21 -21.08 -25.34
C THR B 245 -4.06 -19.83 -25.18
N GLN B 246 -5.22 -19.80 -25.82
CA GLN B 246 -6.11 -18.65 -25.75
C GLN B 246 -6.66 -18.41 -24.35
N GLU B 247 -6.83 -19.48 -23.60
CA GLU B 247 -7.37 -19.39 -22.25
C GLU B 247 -6.26 -19.07 -21.28
N ALA B 248 -5.09 -19.64 -21.52
CA ALA B 248 -3.96 -19.40 -20.66
C ALA B 248 -3.59 -17.93 -20.70
N ARG B 249 -3.43 -17.38 -21.91
CA ARG B 249 -3.05 -15.97 -22.01
C ARG B 249 -4.09 -15.03 -21.42
N ASP B 250 -5.38 -15.35 -21.58
CA ASP B 250 -6.45 -14.51 -21.03
C ASP B 250 -6.35 -14.44 -19.51
N LEU B 251 -6.14 -15.59 -18.87
CA LEU B 251 -6.03 -15.65 -17.43
C LEU B 251 -4.76 -14.93 -16.98
N LEU B 252 -3.66 -15.19 -17.69
CA LEU B 252 -2.41 -14.54 -17.35
C LEU B 252 -2.56 -13.01 -17.37
N LYS B 253 -3.23 -12.47 -18.40
CA LYS B 253 -3.43 -11.02 -18.50
C LYS B 253 -4.29 -10.50 -17.36
N LYS B 254 -5.25 -11.30 -16.91
CA LYS B 254 -6.11 -10.87 -15.81
C LYS B 254 -5.57 -11.10 -14.38
N LEU B 255 -4.53 -11.91 -14.23
CA LEU B 255 -3.95 -12.12 -12.91
C LEU B 255 -2.80 -11.12 -12.73
N LEU B 256 -2.10 -10.88 -13.83
CA LEU B 256 -0.96 -9.97 -13.87
C LEU B 256 -1.38 -8.58 -14.35
N LYS B 257 -2.50 -8.12 -13.79
CA LYS B 257 -3.05 -6.81 -14.09
C LYS B 257 -2.36 -5.96 -13.03
N ARG B 258 -1.75 -4.86 -13.43
CA ARG B 258 -1.04 -4.02 -12.48
C ARG B 258 -2.02 -3.42 -11.48
N ASN B 259 -3.21 -3.06 -11.96
CA ASN B 259 -4.27 -2.47 -11.14
C ASN B 259 -4.95 -3.53 -10.27
N ALA B 260 -4.55 -3.60 -9.01
CA ALA B 260 -5.09 -4.60 -8.10
C ALA B 260 -6.62 -4.61 -8.02
N ALA B 261 -7.22 -3.44 -8.09
CA ALA B 261 -8.68 -3.32 -8.02
C ALA B 261 -9.38 -4.12 -9.09
N SER B 262 -8.84 -4.08 -10.30
CA SER B 262 -9.41 -4.77 -11.44
C SER B 262 -8.82 -6.16 -11.57
N ARG B 263 -7.81 -6.46 -10.77
CA ARG B 263 -7.18 -7.76 -10.86
C ARG B 263 -8.15 -8.91 -10.57
N LEU B 264 -8.12 -9.95 -11.39
CA LEU B 264 -9.03 -11.09 -11.21
C LEU B 264 -8.78 -11.76 -9.86
N GLY B 265 -9.86 -12.01 -9.13
CA GLY B 265 -9.73 -12.63 -7.82
C GLY B 265 -9.79 -11.57 -6.72
N ALA B 266 -9.72 -10.31 -7.12
CA ALA B 266 -9.74 -9.20 -6.18
C ALA B 266 -11.16 -8.84 -5.73
N GLY B 267 -12.14 -9.30 -6.49
CA GLY B 267 -13.52 -9.03 -6.13
C GLY B 267 -13.93 -9.79 -4.88
N PRO B 268 -15.20 -9.63 -4.46
CA PRO B 268 -15.63 -10.36 -3.26
C PRO B 268 -15.73 -11.88 -3.46
N GLY B 269 -15.89 -12.30 -4.72
CA GLY B 269 -16.00 -13.72 -5.04
C GLY B 269 -14.66 -14.41 -4.88
N ASP B 270 -13.60 -13.62 -4.72
CA ASP B 270 -12.24 -14.11 -4.53
C ASP B 270 -11.81 -15.24 -5.48
N ALA B 271 -11.57 -16.43 -4.94
CA ALA B 271 -11.12 -17.56 -5.77
C ALA B 271 -12.20 -18.06 -6.72
N GLY B 272 -13.46 -17.75 -6.40
CA GLY B 272 -14.55 -18.14 -7.27
C GLY B 272 -14.41 -17.45 -8.61
N GLU B 273 -13.90 -16.21 -8.58
CA GLU B 273 -13.69 -15.43 -9.80
C GLU B 273 -12.66 -16.09 -10.70
N VAL B 274 -11.55 -16.51 -10.09
CA VAL B 274 -10.44 -17.13 -10.81
C VAL B 274 -10.69 -18.58 -11.21
N GLN B 275 -11.40 -19.31 -10.37
CA GLN B 275 -11.69 -20.71 -10.68
C GLN B 275 -12.68 -20.79 -11.83
N ALA B 276 -13.50 -19.76 -11.98
CA ALA B 276 -14.51 -19.73 -13.04
C ALA B 276 -13.93 -19.42 -14.43
N HIS B 277 -12.65 -19.14 -14.50
CA HIS B 277 -12.06 -18.86 -15.80
C HIS B 277 -12.13 -20.09 -16.70
N PRO B 278 -12.26 -19.89 -18.03
CA PRO B 278 -12.33 -21.02 -18.96
C PRO B 278 -11.09 -21.94 -18.90
N PHE B 279 -9.96 -21.38 -18.49
CA PHE B 279 -8.73 -22.14 -18.37
C PHE B 279 -8.95 -23.30 -17.38
N PHE B 280 -9.89 -23.08 -16.46
CA PHE B 280 -10.18 -24.08 -15.44
C PHE B 280 -11.43 -24.90 -15.72
N ARG B 281 -12.01 -24.72 -16.92
CA ARG B 281 -13.22 -25.43 -17.30
C ARG B 281 -13.19 -26.96 -17.13
N HIS B 282 -12.02 -27.58 -17.24
CA HIS B 282 -11.92 -29.03 -17.11
C HIS B 282 -11.77 -29.52 -15.67
N ILE B 283 -11.83 -28.61 -14.71
CA ILE B 283 -11.68 -29.05 -13.33
C ILE B 283 -13.04 -29.26 -12.68
N ASN B 284 -13.13 -30.33 -11.89
CA ASN B 284 -14.33 -30.67 -11.14
C ASN B 284 -13.90 -30.44 -9.68
N TRP B 285 -14.30 -29.29 -9.14
CA TRP B 285 -13.88 -28.88 -7.82
C TRP B 285 -14.19 -29.78 -6.64
N GLU B 286 -15.18 -30.65 -6.75
CA GLU B 286 -15.45 -31.54 -5.62
C GLU B 286 -14.46 -32.68 -5.73
N GLU B 287 -14.26 -33.18 -6.94
CA GLU B 287 -13.30 -34.25 -7.16
C GLU B 287 -11.90 -33.77 -6.86
N LEU B 288 -11.65 -32.47 -7.08
CA LEU B 288 -10.32 -31.95 -6.81
C LEU B 288 -10.13 -31.86 -5.31
N LEU B 289 -11.08 -31.20 -4.65
CA LEU B 289 -11.02 -31.02 -3.20
C LEU B 289 -10.85 -32.37 -2.49
N ALA B 290 -11.46 -33.40 -3.05
CA ALA B 290 -11.39 -34.73 -2.46
C ALA B 290 -10.04 -35.44 -2.65
N ARG B 291 -9.16 -34.84 -3.46
CA ARG B 291 -7.87 -35.45 -3.76
C ARG B 291 -8.15 -36.72 -4.55
N LYS B 292 -9.30 -36.73 -5.20
CA LYS B 292 -9.75 -37.84 -6.03
C LYS B 292 -9.32 -37.61 -7.48
N VAL B 293 -8.70 -36.47 -7.75
CA VAL B 293 -8.20 -36.17 -9.09
C VAL B 293 -6.73 -36.59 -9.06
N GLU B 294 -6.31 -37.38 -10.03
CA GLU B 294 -4.94 -37.87 -10.05
C GLU B 294 -3.88 -36.88 -10.43
N PRO B 295 -2.95 -36.61 -9.51
CA PRO B 295 -1.88 -35.66 -9.83
C PRO B 295 -0.97 -36.30 -10.89
N PRO B 296 -0.65 -35.56 -11.95
CA PRO B 296 0.21 -36.08 -13.02
C PRO B 296 1.61 -36.45 -12.59
N PHE B 297 1.99 -36.04 -11.38
CA PHE B 297 3.31 -36.35 -10.86
C PHE B 297 3.32 -36.63 -9.37
N LYS B 298 3.41 -37.91 -9.03
CA LYS B 298 3.47 -38.34 -7.64
C LYS B 298 4.92 -38.76 -7.38
N PRO B 299 5.52 -38.25 -6.30
CA PRO B 299 6.92 -38.59 -5.98
C PRO B 299 7.13 -40.09 -5.72
N LEU B 300 7.67 -40.79 -6.71
CA LEU B 300 7.91 -42.23 -6.58
C LEU B 300 9.15 -42.51 -5.74
O4 STU C . -10.38 24.65 12.03
C25 STU C . -10.69 25.80 11.31
C24 STU C . -11.04 25.30 9.82
C23 STU C . -10.96 23.73 9.65
C22 STU C . -9.59 23.17 10.14
C21 STU C . -9.57 23.52 11.70
C26 STU C . -10.23 22.37 12.49
N2 STU C . -8.11 23.81 12.12
C18 STU C . -7.60 25.20 12.06
C19 STU C . -8.17 26.41 11.67
C6 STU C . -7.43 27.68 11.68
C7 STU C . -6.02 27.56 12.16
C10 STU C . -5.46 26.37 12.53
C11 STU C . -6.21 25.12 12.51
C12 STU C . -5.91 23.78 12.83
C17 STU C . -7.09 22.95 12.60
C16 STU C . -7.00 21.54 12.87
C15 STU C . -5.80 20.95 13.35
C14 STU C . -4.60 21.76 13.61
C13 STU C . -4.70 23.17 13.32
C9 STU C . -4.04 26.57 12.95
N1 STU C . -3.94 28.00 12.74
C8 STU C . -5.00 28.65 12.29
O5 STU C . -5.10 29.84 12.06
C5 STU C . -8.29 28.70 11.25
C20 STU C . -9.58 28.05 10.95
C1 STU C . -10.71 28.82 10.46
C2 STU C . -10.55 30.23 10.27
C3 STU C . -9.28 30.88 10.57
C4 STU C . -8.17 30.12 11.04
N3 STU C . -9.48 26.73 11.22
O6 STU C . -8.57 23.94 9.43
C27 STU C . -7.59 23.11 8.82
N4 STU C . -11.24 23.44 8.13
C28 STU C . -12.70 23.05 7.98
O4 STU D . 12.47 -26.46 3.36
C25 STU D . 12.52 -27.54 2.49
C24 STU D . 12.28 -26.96 1.03
C23 STU D . 12.08 -25.40 1.02
C22 STU D . 10.96 -24.95 2.03
C21 STU D . 11.55 -25.39 3.45
C26 STU D . 12.39 -24.26 4.02
N2 STU D . 10.36 -25.81 4.36
C18 STU D . 9.94 -27.21 4.37
C19 STU D . 10.38 -28.34 3.70
C6 STU D . 9.76 -29.67 3.89
C7 STU D . 8.62 -29.71 4.85
C10 STU D . 8.20 -28.60 5.51
C11 STU D . 8.82 -27.28 5.30
C12 STU D . 8.58 -25.97 5.82
C17 STU D . 9.56 -25.04 5.23
C16 STU D . 9.50 -23.65 5.63
C15 STU D . 8.54 -23.18 6.55
C14 STU D . 7.55 -24.09 7.15
C13 STU D . 7.62 -25.48 6.75
C9 STU D . 7.03 -28.94 6.41
N1 STU D . 6.93 -30.36 6.12
C8 STU D . 7.78 -30.89 5.25
O5 STU D . 7.87 -32.06 4.87
C5 STU D . 10.42 -30.58 3.07
C20 STU D . 11.47 -29.83 2.37
C1 STU D . 12.35 -30.48 1.43
C2 STU D . 12.19 -31.87 1.18
C3 STU D . 11.15 -32.63 1.87
C4 STU D . 10.28 -31.99 2.79
N3 STU D . 11.42 -28.54 2.78
O6 STU D . 9.75 -25.71 1.69
C27 STU D . 8.60 -24.88 1.61
N4 STU D . 11.80 -25.02 -0.49
C28 STU D . 12.94 -24.19 -0.99
#